data_6UBE
#
_entry.id   6UBE
#
_cell.length_a   58.646
_cell.length_b   58.646
_cell.length_c   125.670
_cell.angle_alpha   90.000
_cell.angle_beta   90.000
_cell.angle_gamma   90.000
#
_symmetry.space_group_name_H-M   'P 41 21 2'
#
loop_
_entity.id
_entity.type
_entity.pdbx_description
1 polymer "SUBTILISIN BPN'"
2 polymer 'Peptide LFRAL'
3 non-polymer 'SODIUM ION'
4 non-polymer 'AZIDE ION'
5 non-polymer GLYCEROL
6 water water
#
loop_
_entity_poly.entity_id
_entity_poly.type
_entity_poly.pdbx_seq_one_letter_code
_entity_poly.pdbx_strand_id
1 'polypeptide(L)'
;AKCVSYGVAQIKAPALHSQGYTGSNVKVAILGTGIDSSHPDLNVAGGASFVPSETNPFQDNSSHGTHIAGTVLAVAPSAS
LYAVKVLGADGSGQASWVINGIEWAIANNMDVINMSLGSPSGSAALKAAVDKAVASGVVVVAAAGNSGTSGSSSTVTYPA
KYPSVIAVGAVDSSNQRAPFSSVGPELDVMAPGVSICSTLPGGKYGALSGTSMASPHVAGAAALILSKHPNWTNTQVRSS
LENTATKLGDSFYYGKGLINVEAAAQ
;
S
2 'polypeptide(L)' LFRAL B
#
# COMPACT_ATOMS: atom_id res chain seq x y z
N ALA A 1 11.86 -11.59 -4.74
CA ALA A 1 12.18 -11.06 -3.38
C ALA A 1 13.05 -12.13 -2.72
N LYS A 2 14.09 -11.69 -2.08
CA LYS A 2 15.01 -12.65 -1.46
C LYS A 2 14.55 -13.21 -0.09
N CYS A 3 13.66 -12.51 0.61
CA CYS A 3 13.08 -13.06 1.87
C CYS A 3 11.75 -13.65 1.54
N VAL A 4 11.56 -14.92 1.93
CA VAL A 4 10.32 -15.65 1.67
C VAL A 4 9.22 -15.11 2.54
N SER A 5 8.08 -14.74 1.97
CA SER A 5 6.90 -14.34 2.80
C SER A 5 5.68 -15.02 2.33
N TYR A 6 4.93 -15.57 3.26
CA TYR A 6 3.64 -16.24 2.96
C TYR A 6 2.61 -15.39 2.26
N GLY A 7 2.70 -14.06 2.43
CA GLY A 7 1.66 -13.20 1.93
C GLY A 7 1.44 -13.17 0.43
N VAL A 8 2.54 -13.40 -0.30
CA VAL A 8 2.48 -13.40 -1.73
C VAL A 8 1.61 -14.54 -2.28
N ALA A 9 1.83 -15.73 -1.74
CA ALA A 9 1.00 -16.87 -2.07
C ALA A 9 -0.45 -16.70 -1.57
N GLN A 10 -0.61 -16.10 -0.38
CA GLN A 10 -1.97 -15.99 0.20
C GLN A 10 -2.97 -15.19 -0.69
N ILE A 11 -2.43 -14.21 -1.39
CA ILE A 11 -3.24 -13.36 -2.28
C ILE A 11 -3.33 -13.92 -3.69
N LYS A 12 -2.67 -15.06 -3.94
CA LYS A 12 -2.73 -15.77 -5.21
C LYS A 12 -1.94 -15.03 -6.29
N ALA A 13 -0.94 -14.24 -5.87
CA ALA A 13 -0.01 -13.60 -6.89
C ALA A 13 0.76 -14.60 -7.76
N PRO A 14 1.20 -15.73 -7.20
CA PRO A 14 1.99 -16.67 -8.05
C PRO A 14 1.23 -17.13 -9.27
N ALA A 15 -0.08 -17.20 -9.17
CA ALA A 15 -0.90 -17.55 -10.33
C ALA A 15 -0.73 -16.55 -11.46
N LEU A 16 -0.65 -15.27 -11.16
CA LEU A 16 -0.39 -14.25 -12.21
C LEU A 16 1.00 -14.41 -12.72
N HIS A 17 1.97 -14.62 -11.84
CA HIS A 17 3.36 -14.79 -12.25
C HIS A 17 3.43 -15.95 -13.26
N SER A 18 2.76 -17.06 -12.93
CA SER A 18 2.75 -18.25 -13.84
CA SER A 18 2.86 -18.21 -13.88
C SER A 18 2.12 -17.97 -15.19
N GLN A 19 1.16 -17.06 -15.24
CA GLN A 19 0.52 -16.59 -16.50
C GLN A 19 1.49 -15.71 -17.27
N GLY A 20 2.55 -15.23 -16.65
CA GLY A 20 3.53 -14.27 -17.25
C GLY A 20 3.36 -12.83 -16.85
N TYR A 21 2.56 -12.54 -15.85
CA TYR A 21 2.26 -11.13 -15.47
C TYR A 21 2.98 -10.79 -14.20
N THR A 22 3.83 -9.74 -14.24
CA THR A 22 4.60 -9.34 -13.07
C THR A 22 4.55 -7.84 -12.80
N GLY A 23 3.59 -7.12 -13.38
CA GLY A 23 3.46 -5.69 -13.16
C GLY A 23 4.40 -4.86 -13.98
N SER A 24 4.81 -5.36 -15.17
CA SER A 24 5.68 -4.54 -15.99
CA SER A 24 5.63 -4.56 -16.08
C SER A 24 4.98 -3.29 -16.47
N ASN A 25 5.79 -2.24 -16.58
CA ASN A 25 5.34 -0.92 -17.00
C ASN A 25 4.25 -0.29 -16.13
N VAL A 26 4.37 -0.49 -14.82
CA VAL A 26 3.42 0.13 -13.88
C VAL A 26 4.22 0.93 -12.87
N LYS A 27 3.89 2.20 -12.76
CA LYS A 27 4.59 3.13 -11.83
C LYS A 27 3.86 3.21 -10.49
N VAL A 28 4.53 2.74 -9.44
CA VAL A 28 3.98 2.70 -8.10
C VAL A 28 4.75 3.68 -7.17
N ALA A 29 4.00 4.61 -6.61
CA ALA A 29 4.59 5.59 -5.68
C ALA A 29 4.42 5.11 -4.27
N ILE A 30 5.53 5.01 -3.55
CA ILE A 30 5.55 4.54 -2.17
C ILE A 30 5.69 5.82 -1.29
N LEU A 31 4.55 6.29 -0.75
CA LEU A 31 4.48 7.50 0.05
C LEU A 31 4.74 7.12 1.47
N GLY A 32 5.94 7.47 2.02
CA GLY A 32 6.32 7.08 3.40
C GLY A 32 7.66 7.61 3.77
N THR A 33 8.46 6.75 4.36
CA THR A 33 9.71 7.19 5.00
C THR A 33 10.92 7.22 4.02
N GLY A 34 10.70 6.90 2.76
CA GLY A 34 11.75 6.80 1.77
C GLY A 34 11.95 5.39 1.33
N ILE A 35 12.87 5.12 0.47
CA ILE A 35 13.21 3.75 0.09
C ILE A 35 14.74 3.71 0.05
N ASP A 36 15.36 2.72 0.68
CA ASP A 36 16.84 2.56 0.57
C ASP A 36 17.27 2.05 -0.75
N SER A 37 17.56 2.93 -1.68
CA SER A 37 17.88 2.55 -3.04
C SER A 37 19.17 1.81 -3.17
N SER A 38 19.99 1.85 -2.15
CA SER A 38 21.25 1.09 -2.15
C SER A 38 20.98 -0.36 -1.88
N HIS A 39 19.76 -0.73 -1.42
CA HIS A 39 19.53 -2.18 -1.19
C HIS A 39 19.70 -2.94 -2.50
N PRO A 40 20.46 -4.06 -2.47
CA PRO A 40 20.70 -4.73 -3.78
C PRO A 40 19.48 -5.27 -4.46
N ASP A 41 18.38 -5.50 -3.76
CA ASP A 41 17.20 -6.08 -4.33
C ASP A 41 16.11 -5.05 -4.72
N LEU A 42 16.42 -3.77 -4.54
CA LEU A 42 15.47 -2.73 -4.86
C LEU A 42 16.08 -1.75 -5.89
N ASN A 43 15.35 -1.47 -6.95
CA ASN A 43 15.73 -0.42 -7.88
C ASN A 43 14.58 0.60 -7.74
N VAL A 44 14.97 1.81 -7.68
CA VAL A 44 14.06 2.88 -7.50
C VAL A 44 14.23 3.73 -8.76
N ALA A 45 13.10 4.05 -9.39
CA ALA A 45 13.08 4.80 -10.63
C ALA A 45 13.06 6.29 -10.56
N GLY A 46 12.67 6.85 -9.43
CA GLY A 46 12.62 8.28 -9.22
C GLY A 46 12.03 8.55 -7.87
N GLY A 47 11.91 9.80 -7.56
CA GLY A 47 11.29 10.19 -6.29
C GLY A 47 11.56 11.63 -5.85
N ALA A 48 11.14 11.88 -4.60
CA ALA A 48 11.18 13.26 -4.06
C ALA A 48 10.95 13.19 -2.57
N SER A 49 11.63 14.07 -1.80
CA SER A 49 11.36 14.22 -0.41
C SER A 49 10.70 15.55 -0.09
N PHE A 50 9.68 15.47 0.75
CA PHE A 50 8.91 16.63 1.27
C PHE A 50 9.11 16.78 2.77
N VAL A 51 10.11 16.10 3.37
CA VAL A 51 10.41 16.18 4.80
C VAL A 51 11.62 17.08 4.96
N PRO A 52 11.41 18.32 5.45
CA PRO A 52 12.57 19.25 5.41
C PRO A 52 13.78 18.82 6.21
N SER A 53 13.60 17.99 7.21
CA SER A 53 14.71 17.52 8.02
CA SER A 53 14.69 17.51 8.03
C SER A 53 15.38 16.28 7.45
N GLU A 54 14.77 15.69 6.42
CA GLU A 54 15.30 14.43 5.82
C GLU A 54 15.19 14.55 4.29
N THR A 55 16.22 15.18 3.70
CA THR A 55 16.09 15.61 2.32
C THR A 55 16.29 14.53 1.23
N ASN A 56 16.65 13.31 1.60
CA ASN A 56 16.95 12.31 0.58
C ASN A 56 15.87 11.20 0.54
N PRO A 57 15.08 11.11 -0.51
CA PRO A 57 14.07 10.08 -0.56
C PRO A 57 14.62 8.69 -0.80
N PHE A 58 15.87 8.60 -1.24
CA PHE A 58 16.52 7.35 -1.64
C PHE A 58 17.30 6.75 -0.49
N GLN A 59 17.09 7.28 0.70
CA GLN A 59 17.44 6.59 1.94
C GLN A 59 16.25 6.52 2.86
N ASP A 60 16.32 5.64 3.83
CA ASP A 60 15.18 5.37 4.71
C ASP A 60 15.74 5.11 6.08
N ASN A 61 15.51 6.05 6.97
CA ASN A 61 15.98 5.96 8.35
C ASN A 61 14.96 5.46 9.33
N SER A 62 13.82 5.01 8.84
CA SER A 62 12.77 4.28 9.60
C SER A 62 12.88 2.77 9.40
N SER A 63 12.92 2.37 8.15
CA SER A 63 12.82 0.98 7.64
CA SER A 63 12.81 0.97 7.63
C SER A 63 11.50 0.69 6.95
N HIS A 64 10.41 1.37 7.28
N HIS A 64 10.43 1.41 7.31
CA HIS A 64 9.13 0.95 6.79
CA HIS A 64 9.08 1.20 6.87
C HIS A 64 9.02 1.17 5.27
C HIS A 64 9.01 1.22 5.34
N GLY A 65 9.46 2.31 4.72
CA GLY A 65 9.32 2.46 3.32
C GLY A 65 10.05 1.41 2.49
N THR A 66 11.25 1.06 2.93
CA THR A 66 12.03 0.06 2.30
C THR A 66 11.33 -1.32 2.28
N HIS A 67 10.73 -1.63 3.42
CA HIS A 67 10.00 -2.89 3.63
C HIS A 67 8.81 -2.96 2.68
N ILE A 68 8.05 -1.91 2.70
CA ILE A 68 6.85 -1.77 1.87
C ILE A 68 7.21 -1.86 0.41
N ALA A 69 8.22 -1.12 0.00
CA ALA A 69 8.71 -1.22 -1.37
C ALA A 69 9.00 -2.65 -1.75
N GLY A 70 9.68 -3.38 -0.87
CA GLY A 70 9.96 -4.77 -1.11
C GLY A 70 8.72 -5.65 -1.28
N THR A 71 7.70 -5.39 -0.51
CA THR A 71 6.47 -6.14 -0.64
C THR A 71 5.78 -5.87 -1.98
N VAL A 72 5.76 -4.62 -2.38
CA VAL A 72 5.22 -4.31 -3.74
C VAL A 72 5.95 -5.15 -4.78
N LEU A 73 7.31 -5.20 -4.73
CA LEU A 73 8.07 -5.99 -5.70
C LEU A 73 7.91 -7.49 -5.53
N ALA A 74 7.69 -7.95 -4.31
CA ALA A 74 7.50 -9.39 -4.12
C ALA A 74 6.23 -9.82 -4.83
N VAL A 75 5.23 -8.94 -4.83
CA VAL A 75 3.96 -9.22 -5.47
C VAL A 75 3.99 -8.89 -6.97
N ALA A 76 4.68 -7.82 -7.33
CA ALA A 76 4.77 -7.38 -8.72
C ALA A 76 6.23 -7.13 -9.07
N PRO A 77 6.96 -8.20 -9.42
CA PRO A 77 8.43 -8.03 -9.50
C PRO A 77 8.94 -7.06 -10.55
N SER A 78 8.13 -6.69 -11.54
CA SER A 78 8.54 -5.80 -12.64
C SER A 78 8.05 -4.37 -12.43
N ALA A 79 7.32 -4.07 -11.30
CA ALA A 79 6.81 -2.75 -11.10
C ALA A 79 7.97 -1.73 -10.94
N SER A 80 7.70 -0.50 -11.31
CA SER A 80 8.66 0.61 -11.16
C SER A 80 8.33 1.40 -9.89
N LEU A 81 9.29 1.43 -8.95
CA LEU A 81 9.06 2.06 -7.65
C LEU A 81 9.51 3.48 -7.62
N TYR A 82 8.69 4.33 -7.04
CA TYR A 82 9.07 5.74 -6.84
C TYR A 82 9.04 5.99 -5.35
N ALA A 83 10.09 6.61 -4.80
CA ALA A 83 10.20 6.91 -3.35
C ALA A 83 9.74 8.28 -3.10
N VAL A 84 8.65 8.43 -2.39
CA VAL A 84 8.09 9.74 -2.09
C VAL A 84 8.07 9.91 -0.58
N LYS A 85 9.04 10.65 -0.08
CA LYS A 85 9.21 10.79 1.35
C LYS A 85 8.33 11.84 1.92
N VAL A 86 7.34 11.39 2.73
CA VAL A 86 6.41 12.27 3.39
C VAL A 86 6.40 12.09 4.88
N LEU A 87 7.16 11.11 5.40
CA LEU A 87 7.31 10.86 6.82
C LEU A 87 8.76 10.80 7.12
N GLY A 88 9.07 11.27 8.35
CA GLY A 88 10.42 11.11 8.86
C GLY A 88 10.76 9.74 9.46
N ALA A 89 11.97 9.65 10.04
CA ALA A 89 12.50 8.43 10.55
C ALA A 89 11.65 7.83 11.71
N ASP A 90 10.99 8.71 12.45
CA ASP A 90 10.11 8.25 13.51
C ASP A 90 8.71 7.91 13.06
N GLY A 91 8.51 7.91 11.74
CA GLY A 91 7.26 7.50 11.12
C GLY A 91 6.30 8.60 11.04
N SER A 92 6.62 9.82 11.51
CA SER A 92 5.64 10.93 11.52
C SER A 92 5.85 11.98 10.44
N GLY A 93 4.77 12.55 10.00
CA GLY A 93 4.79 13.64 9.05
C GLY A 93 3.62 14.58 9.16
N GLN A 94 3.81 15.77 8.60
CA GLN A 94 2.78 16.76 8.52
C GLN A 94 1.83 16.51 7.38
N ALA A 95 0.55 16.89 7.60
CA ALA A 95 -0.49 16.76 6.59
C ALA A 95 -0.05 17.30 5.25
N SER A 96 0.49 18.49 5.28
CA SER A 96 0.87 19.13 4.05
C SER A 96 1.94 18.37 3.28
N TRP A 97 2.85 17.70 3.98
CA TRP A 97 3.85 16.92 3.32
C TRP A 97 3.23 15.76 2.54
N VAL A 98 2.29 15.10 3.21
CA VAL A 98 1.55 14.00 2.54
C VAL A 98 0.89 14.51 1.23
N ILE A 99 0.18 15.63 1.38
CA ILE A 99 -0.49 16.25 0.22
C ILE A 99 0.51 16.56 -0.89
N ASN A 100 1.64 17.13 -0.51
CA ASN A 100 2.69 17.40 -1.48
C ASN A 100 3.09 16.13 -2.22
N GLY A 101 3.23 15.03 -1.50
CA GLY A 101 3.58 13.78 -2.12
C GLY A 101 2.54 13.23 -3.06
N ILE A 102 1.27 13.35 -2.70
CA ILE A 102 0.18 13.01 -3.57
C ILE A 102 0.19 13.82 -4.85
N GLU A 103 0.41 15.13 -4.69
N GLU A 103 0.41 15.13 -4.68
CA GLU A 103 0.46 16.04 -5.87
CA GLU A 103 0.47 16.06 -5.84
C GLU A 103 1.60 15.58 -6.77
C GLU A 103 1.60 15.58 -6.76
N TRP A 104 2.78 15.35 -6.18
CA TRP A 104 3.91 14.88 -6.93
C TRP A 104 3.52 13.63 -7.75
N ALA A 105 2.88 12.70 -7.09
CA ALA A 105 2.50 11.44 -7.77
C ALA A 105 1.58 11.67 -8.95
N ILE A 106 0.63 12.58 -8.81
CA ILE A 106 -0.29 12.90 -9.92
C ILE A 106 0.54 13.53 -11.03
N ALA A 107 1.38 14.48 -10.70
CA ALA A 107 2.13 15.16 -11.74
C ALA A 107 3.09 14.34 -12.49
N ASN A 108 3.61 13.29 -11.86
CA ASN A 108 4.55 12.38 -12.44
C ASN A 108 3.89 11.07 -13.03
N ASN A 109 2.56 11.13 -13.18
CA ASN A 109 1.84 10.07 -13.92
C ASN A 109 1.98 8.71 -13.26
N MET A 110 1.96 8.69 -11.92
CA MET A 110 1.93 7.41 -11.24
C MET A 110 0.68 6.64 -11.62
N ASP A 111 0.80 5.32 -11.72
CA ASP A 111 -0.34 4.44 -11.89
C ASP A 111 -1.05 4.04 -10.58
N VAL A 112 -0.23 3.91 -9.54
CA VAL A 112 -0.70 3.43 -8.23
C VAL A 112 0.03 4.27 -7.20
N ILE A 113 -0.72 4.67 -6.15
CA ILE A 113 -0.16 5.28 -4.93
C ILE A 113 -0.44 4.34 -3.80
N ASN A 114 0.60 4.06 -3.06
CA ASN A 114 0.46 3.34 -1.77
C ASN A 114 0.77 4.31 -0.62
N MET A 115 -0.20 4.41 0.33
CA MET A 115 -0.03 5.22 1.55
C MET A 115 -0.18 4.30 2.77
N SER A 116 0.95 3.77 3.27
CA SER A 116 0.91 3.00 4.48
C SER A 116 1.02 3.90 5.72
N LEU A 117 0.05 4.80 5.86
CA LEU A 117 0.18 5.84 6.86
C LEU A 117 -1.24 6.28 7.18
N GLY A 118 -1.41 6.92 8.33
CA GLY A 118 -2.73 7.35 8.75
C GLY A 118 -2.68 8.36 9.88
N SER A 119 -3.76 9.09 10.00
CA SER A 119 -4.03 9.94 11.14
C SER A 119 -5.47 9.77 11.54
N PRO A 120 -5.79 10.00 12.81
CA PRO A 120 -7.23 9.96 13.17
C PRO A 120 -8.05 11.13 12.58
N SER A 121 -7.38 12.20 12.11
CA SER A 121 -8.03 13.28 11.38
C SER A 121 -7.41 13.49 9.99
N GLY A 122 -8.22 13.96 9.05
CA GLY A 122 -7.65 14.32 7.76
C GLY A 122 -7.86 15.81 7.57
N SER A 123 -8.18 16.23 6.35
CA SER A 123 -8.36 17.64 6.07
C SER A 123 -9.12 17.73 4.77
N ALA A 124 -9.79 18.86 4.55
CA ALA A 124 -10.45 19.02 3.28
C ALA A 124 -9.43 19.01 2.16
N ALA A 125 -8.25 19.56 2.41
CA ALA A 125 -7.20 19.55 1.40
C ALA A 125 -6.71 18.11 1.08
N LEU A 126 -6.59 17.29 2.12
CA LEU A 126 -6.19 15.90 1.86
C LEU A 126 -7.20 15.15 1.07
N LYS A 127 -8.49 15.36 1.45
CA LYS A 127 -9.54 14.75 0.66
C LYS A 127 -9.52 15.22 -0.75
N ALA A 128 -9.29 16.53 -0.94
CA ALA A 128 -9.24 16.98 -2.33
C ALA A 128 -8.12 16.40 -3.10
N ALA A 129 -6.99 16.17 -2.45
CA ALA A 129 -5.80 15.62 -3.14
C ALA A 129 -6.09 14.17 -3.59
N VAL A 130 -6.59 13.34 -2.65
CA VAL A 130 -6.85 11.96 -3.06
C VAL A 130 -7.96 11.85 -4.09
N ASP A 131 -9.01 12.68 -3.92
CA ASP A 131 -10.09 12.68 -4.88
C ASP A 131 -9.54 13.12 -6.30
N LYS A 132 -8.62 14.10 -6.34
CA LYS A 132 -8.00 14.54 -7.59
C LYS A 132 -7.18 13.44 -8.20
N ALA A 133 -6.44 12.71 -7.32
CA ALA A 133 -5.70 11.59 -7.84
C ALA A 133 -6.55 10.51 -8.52
N VAL A 134 -7.66 10.19 -7.84
CA VAL A 134 -8.62 9.24 -8.38
C VAL A 134 -9.29 9.76 -9.68
N ALA A 135 -9.66 11.03 -9.66
CA ALA A 135 -10.19 11.66 -10.92
C ALA A 135 -9.18 11.65 -12.08
N SER A 136 -7.90 11.65 -11.78
CA SER A 136 -6.81 11.61 -12.75
C SER A 136 -6.50 10.21 -13.21
N GLY A 137 -7.09 9.19 -12.60
CA GLY A 137 -6.91 7.81 -13.04
C GLY A 137 -5.97 6.96 -12.19
N VAL A 138 -5.47 7.50 -11.08
CA VAL A 138 -4.51 6.81 -10.23
C VAL A 138 -5.33 5.82 -9.34
N VAL A 139 -4.77 4.64 -9.13
CA VAL A 139 -5.28 3.68 -8.11
C VAL A 139 -4.69 4.08 -6.80
N VAL A 140 -5.49 4.39 -5.80
CA VAL A 140 -5.03 4.97 -4.57
C VAL A 140 -5.37 4.01 -3.45
N VAL A 141 -4.33 3.50 -2.76
CA VAL A 141 -4.44 2.40 -1.80
C VAL A 141 -3.85 2.93 -0.48
N ALA A 142 -4.54 2.69 0.62
CA ALA A 142 -4.04 3.06 1.91
C ALA A 142 -4.28 2.00 2.97
N ALA A 143 -3.35 1.91 3.90
CA ALA A 143 -3.50 1.10 5.11
C ALA A 143 -4.69 1.64 5.91
N ALA A 144 -5.52 0.73 6.47
CA ALA A 144 -6.75 1.18 7.12
C ALA A 144 -6.55 1.77 8.49
N GLY A 145 -5.40 1.48 9.13
CA GLY A 145 -5.17 1.95 10.49
C GLY A 145 -4.84 0.81 11.41
N ASN A 146 -4.07 1.15 12.45
CA ASN A 146 -3.70 0.23 13.54
C ASN A 146 -4.30 0.66 14.84
N SER A 147 -5.55 1.11 14.80
CA SER A 147 -6.18 1.61 16.00
C SER A 147 -7.13 0.57 16.61
N GLY A 148 -7.03 -0.72 16.23
CA GLY A 148 -7.85 -1.72 16.83
C GLY A 148 -9.30 -1.39 16.67
N THR A 149 -10.06 -1.70 17.72
CA THR A 149 -11.52 -1.45 17.70
C THR A 149 -11.91 -0.47 18.76
N SER A 150 -13.13 0.05 18.56
CA SER A 150 -13.68 1.07 19.48
C SER A 150 -15.18 0.87 19.53
N GLY A 151 -15.59 -0.30 19.97
CA GLY A 151 -17.02 -0.61 20.07
C GLY A 151 -17.66 -0.63 18.69
N SER A 152 -18.74 0.15 18.54
CA SER A 152 -19.38 0.30 17.23
C SER A 152 -18.80 1.40 16.37
N SER A 153 -17.80 2.12 16.88
CA SER A 153 -17.23 3.25 16.14
C SER A 153 -16.27 2.78 15.06
N SER A 154 -16.21 3.54 13.97
CA SER A 154 -15.12 3.28 12.98
C SER A 154 -13.83 3.76 13.58
N THR A 155 -12.76 2.97 13.33
CA THR A 155 -11.41 3.36 13.76
C THR A 155 -10.49 3.45 12.53
N VAL A 156 -11.07 3.47 11.35
CA VAL A 156 -10.29 3.61 10.10
C VAL A 156 -9.67 5.00 10.08
N THR A 157 -8.38 5.03 9.75
CA THR A 157 -7.64 6.33 9.72
C THR A 157 -7.81 7.01 8.34
N TYR A 158 -7.48 8.32 8.33
CA TYR A 158 -7.35 9.06 7.08
C TYR A 158 -5.94 8.89 6.53
N PRO A 159 -5.75 8.74 5.21
CA PRO A 159 -6.72 8.92 4.17
C PRO A 159 -7.59 7.69 3.77
N ALA A 160 -7.33 6.54 4.41
CA ALA A 160 -8.10 5.33 4.04
C ALA A 160 -9.61 5.55 4.22
N LYS A 161 -9.99 6.39 5.20
CA LYS A 161 -11.41 6.66 5.53
C LYS A 161 -12.15 7.39 4.45
N TYR A 162 -11.43 8.00 3.49
CA TYR A 162 -12.15 8.72 2.44
C TYR A 162 -12.67 7.77 1.42
N PRO A 163 -13.88 7.97 0.91
CA PRO A 163 -14.45 6.99 -0.03
C PRO A 163 -13.61 6.68 -1.29
N SER A 164 -12.92 7.68 -1.82
CA SER A 164 -12.12 7.50 -3.03
C SER A 164 -10.87 6.60 -2.87
N VAL A 165 -10.50 6.35 -1.61
CA VAL A 165 -9.26 5.58 -1.32
C VAL A 165 -9.62 4.14 -0.97
N ILE A 166 -8.87 3.17 -1.48
CA ILE A 166 -9.10 1.76 -1.10
C ILE A 166 -8.51 1.59 0.29
N ALA A 167 -9.33 1.15 1.22
CA ALA A 167 -8.93 1.02 2.64
C ALA A 167 -8.65 -0.47 2.91
N VAL A 168 -7.41 -0.77 3.29
CA VAL A 168 -6.95 -2.13 3.45
C VAL A 168 -6.59 -2.52 4.86
N GLY A 169 -7.33 -3.47 5.40
CA GLY A 169 -7.03 -4.00 6.69
C GLY A 169 -6.13 -5.21 6.62
N ALA A 170 -5.67 -5.68 7.80
CA ALA A 170 -4.65 -6.71 7.92
C ALA A 170 -5.22 -8.00 8.48
N VAL A 171 -4.94 -9.10 7.80
CA VAL A 171 -5.16 -10.45 8.35
C VAL A 171 -3.80 -11.13 8.58
N ASP A 172 -3.87 -12.23 9.33
CA ASP A 172 -2.72 -13.09 9.53
C ASP A 172 -2.74 -14.24 8.49
N SER A 173 -1.84 -15.19 8.64
CA SER A 173 -1.72 -16.27 7.71
C SER A 173 -2.88 -17.22 7.61
N SER A 174 -3.73 -17.18 8.65
CA SER A 174 -4.96 -17.94 8.70
C SER A 174 -6.20 -17.12 8.32
N ASN A 175 -6.03 -15.92 7.76
CA ASN A 175 -7.14 -15.04 7.39
C ASN A 175 -7.97 -14.50 8.55
N GLN A 176 -7.36 -14.52 9.73
CA GLN A 176 -7.98 -13.90 10.89
C GLN A 176 -7.63 -12.45 10.96
N ARG A 177 -8.54 -11.57 11.31
CA ARG A 177 -8.20 -10.17 11.42
C ARG A 177 -7.11 -9.96 12.49
N ALA A 178 -6.06 -9.20 12.18
CA ALA A 178 -5.05 -8.91 13.14
C ALA A 178 -5.64 -8.05 14.26
N PRO A 179 -5.29 -8.24 15.53
CA PRO A 179 -5.91 -7.47 16.60
C PRO A 179 -5.79 -5.98 16.48
N PHE A 180 -4.73 -5.50 15.81
CA PHE A 180 -4.53 -4.08 15.64
C PHE A 180 -5.30 -3.45 14.49
N SER A 181 -5.81 -4.27 13.57
CA SER A 181 -6.34 -3.73 12.32
C SER A 181 -7.60 -2.91 12.53
N SER A 182 -7.61 -1.68 12.09
CA SER A 182 -8.76 -0.80 12.22
C SER A 182 -10.00 -1.40 11.52
N VAL A 183 -11.16 -0.91 12.01
CA VAL A 183 -12.45 -1.48 11.60
C VAL A 183 -13.42 -0.36 11.26
N GLY A 184 -14.47 -0.70 10.53
CA GLY A 184 -15.51 0.24 10.16
C GLY A 184 -16.04 -0.01 8.81
N PRO A 185 -17.13 0.67 8.50
CA PRO A 185 -17.77 0.46 7.18
C PRO A 185 -16.92 0.94 5.98
N GLU A 186 -15.88 1.71 6.26
CA GLU A 186 -14.97 2.19 5.21
C GLU A 186 -13.96 1.15 4.81
N LEU A 187 -13.80 0.06 5.59
CA LEU A 187 -12.89 -1.00 5.10
C LEU A 187 -13.36 -1.58 3.79
N ASP A 188 -12.46 -1.77 2.86
CA ASP A 188 -12.73 -2.37 1.56
C ASP A 188 -12.29 -3.79 1.49
N VAL A 189 -10.98 -4.06 1.77
CA VAL A 189 -10.42 -5.38 1.54
C VAL A 189 -9.42 -5.63 2.61
N MET A 190 -9.02 -6.88 2.74
CA MET A 190 -7.92 -7.28 3.65
C MET A 190 -6.74 -7.87 2.88
N ALA A 191 -5.56 -7.82 3.49
CA ALA A 191 -4.41 -8.49 2.93
C ALA A 191 -3.49 -8.89 4.04
N PRO A 192 -2.52 -9.74 3.77
CA PRO A 192 -1.56 -10.19 4.82
C PRO A 192 -0.84 -9.01 5.45
N GLY A 193 -0.83 -8.95 6.79
CA GLY A 193 -0.17 -7.87 7.49
C GLY A 193 0.47 -8.23 8.81
N VAL A 194 0.68 -9.52 9.01
CA VAL A 194 1.35 -10.02 10.24
C VAL A 194 2.66 -10.71 9.95
N SER A 195 3.72 -10.21 10.54
CA SER A 195 5.06 -10.83 10.42
CA SER A 195 5.03 -10.89 10.40
C SER A 195 5.40 -11.13 8.94
N ILE A 196 5.34 -10.09 8.12
CA ILE A 196 5.67 -10.11 6.74
C ILE A 196 7.16 -9.83 6.58
N CYS A 197 7.92 -10.75 5.97
CA CYS A 197 9.34 -10.61 5.74
C CYS A 197 9.57 -9.83 4.47
N SER A 198 10.36 -8.77 4.57
CA SER A 198 10.74 -7.99 3.37
C SER A 198 12.10 -7.35 3.60
N THR A 199 12.46 -6.47 2.67
CA THR A 199 13.71 -5.71 2.69
C THR A 199 13.76 -4.68 3.78
N LEU A 200 14.91 -4.54 4.42
CA LEU A 200 15.22 -3.46 5.38
C LEU A 200 16.44 -2.69 4.95
N PRO A 201 16.56 -1.44 5.44
CA PRO A 201 17.76 -0.67 5.03
C PRO A 201 19.06 -1.34 5.38
N GLY A 202 20.06 -1.05 4.53
CA GLY A 202 21.39 -1.57 4.76
C GLY A 202 21.55 -3.01 4.23
N GLY A 203 20.80 -3.44 3.21
CA GLY A 203 20.91 -4.75 2.65
C GLY A 203 20.38 -5.84 3.52
N LYS A 204 19.46 -5.49 4.44
CA LYS A 204 18.93 -6.45 5.49
C LYS A 204 17.51 -6.84 5.12
N TYR A 205 16.96 -7.76 5.93
CA TYR A 205 15.65 -8.31 5.75
C TYR A 205 15.07 -8.56 7.11
N GLY A 206 13.73 -8.59 7.20
CA GLY A 206 13.07 -8.92 8.46
C GLY A 206 11.58 -8.77 8.39
N ALA A 207 10.95 -9.32 9.40
CA ALA A 207 9.46 -9.27 9.49
C ALA A 207 8.98 -8.03 10.24
N LEU A 208 7.90 -7.42 9.68
CA LEU A 208 7.17 -6.35 10.36
C LEU A 208 5.68 -6.66 10.26
N SER A 209 4.91 -6.00 11.11
CA SER A 209 3.46 -6.16 11.16
C SER A 209 2.79 -4.83 11.12
N GLY A 210 1.59 -4.78 10.56
CA GLY A 210 0.81 -3.55 10.51
C GLY A 210 -0.08 -3.54 9.31
N THR A 211 -1.09 -2.65 9.32
CA THR A 211 -1.83 -2.37 8.10
C THR A 211 -0.91 -1.80 7.02
N SER A 212 0.18 -1.18 7.47
CA SER A 212 1.25 -0.78 6.53
CA SER A 212 1.24 -0.78 6.52
C SER A 212 1.75 -1.91 5.67
N MET A 213 1.72 -3.12 6.18
CA MET A 213 2.22 -4.29 5.45
CA MET A 213 2.18 -4.32 5.49
C MET A 213 1.16 -4.85 4.51
N ALA A 214 -0.13 -4.68 4.87
CA ALA A 214 -1.25 -5.16 4.07
C ALA A 214 -1.41 -4.30 2.80
N SER A 215 -1.39 -2.97 2.99
CA SER A 215 -1.55 -2.01 1.83
C SER A 215 -0.68 -2.33 0.61
N PRO A 216 0.62 -2.57 0.76
CA PRO A 216 1.42 -2.88 -0.44
C PRO A 216 1.10 -4.17 -1.13
N HIS A 217 0.49 -5.13 -0.42
CA HIS A 217 -0.01 -6.34 -1.13
C HIS A 217 -1.04 -5.93 -2.15
N VAL A 218 -1.91 -4.99 -1.79
CA VAL A 218 -3.00 -4.52 -2.66
C VAL A 218 -2.40 -3.63 -3.71
N ALA A 219 -1.47 -2.72 -3.37
CA ALA A 219 -0.80 -1.92 -4.41
C ALA A 219 -0.11 -2.84 -5.43
N GLY A 220 0.59 -3.86 -5.00
CA GLY A 220 1.22 -4.80 -5.89
C GLY A 220 0.20 -5.55 -6.70
N ALA A 221 -0.92 -5.93 -6.10
CA ALA A 221 -1.95 -6.59 -6.84
C ALA A 221 -2.51 -5.69 -7.95
N ALA A 222 -2.71 -4.43 -7.69
CA ALA A 222 -3.13 -3.49 -8.68
C ALA A 222 -2.14 -3.42 -9.84
N ALA A 223 -0.83 -3.44 -9.54
CA ALA A 223 0.18 -3.49 -10.61
C ALA A 223 0.03 -4.75 -11.44
N LEU A 224 -0.12 -5.91 -10.83
CA LEU A 224 -0.34 -7.16 -11.60
C LEU A 224 -1.54 -7.00 -12.49
N ILE A 225 -2.64 -6.51 -11.92
CA ILE A 225 -3.87 -6.34 -12.70
C ILE A 225 -3.70 -5.44 -13.89
N LEU A 226 -3.03 -4.32 -13.68
CA LEU A 226 -2.77 -3.35 -14.76
C LEU A 226 -1.84 -3.97 -15.82
N SER A 227 -0.89 -4.83 -15.44
CA SER A 227 -0.03 -5.49 -16.44
C SER A 227 -0.88 -6.37 -17.36
N LYS A 228 -1.89 -7.04 -16.80
CA LYS A 228 -2.75 -7.95 -17.63
C LYS A 228 -3.82 -7.12 -18.36
N HIS A 229 -4.26 -6.02 -17.77
CA HIS A 229 -5.33 -5.21 -18.31
C HIS A 229 -4.94 -3.70 -18.23
N PRO A 230 -3.99 -3.24 -19.08
CA PRO A 230 -3.48 -1.91 -18.99
C PRO A 230 -4.49 -0.87 -19.35
N ASN A 231 -5.58 -1.27 -20.00
CA ASN A 231 -6.68 -0.35 -20.34
C ASN A 231 -7.73 -0.17 -19.28
N TRP A 232 -7.70 -1.03 -18.20
CA TRP A 232 -8.70 -0.90 -17.17
C TRP A 232 -8.50 0.43 -16.48
N THR A 233 -9.60 1.10 -16.17
CA THR A 233 -9.54 2.29 -15.36
C THR A 233 -9.24 1.92 -13.90
N ASN A 234 -8.87 2.94 -13.14
CA ASN A 234 -8.71 2.75 -11.67
C ASN A 234 -9.99 2.26 -11.08
N THR A 235 -11.16 2.76 -11.50
CA THR A 235 -12.45 2.28 -11.06
C THR A 235 -12.60 0.75 -11.31
N GLN A 236 -12.24 0.28 -12.50
CA GLN A 236 -12.31 -1.12 -12.82
C GLN A 236 -11.35 -1.96 -12.00
N VAL A 237 -10.13 -1.46 -11.81
CA VAL A 237 -9.16 -2.21 -10.95
C VAL A 237 -9.73 -2.37 -9.55
N ARG A 238 -10.23 -1.28 -8.99
CA ARG A 238 -10.79 -1.32 -7.65
C ARG A 238 -11.97 -2.28 -7.60
N SER A 239 -12.87 -2.14 -8.56
CA SER A 239 -14.05 -3.06 -8.58
CA SER A 239 -14.03 -3.08 -8.57
C SER A 239 -13.60 -4.52 -8.67
N SER A 240 -12.60 -4.81 -9.49
CA SER A 240 -12.09 -6.17 -9.67
CA SER A 240 -12.22 -6.16 -9.62
C SER A 240 -11.64 -6.71 -8.32
N LEU A 241 -10.90 -5.92 -7.58
CA LEU A 241 -10.35 -6.37 -6.29
C LEU A 241 -11.43 -6.58 -5.23
N GLU A 242 -12.35 -5.64 -5.15
CA GLU A 242 -13.38 -5.75 -4.15
C GLU A 242 -14.41 -6.86 -4.46
N ASN A 243 -14.83 -6.94 -5.72
CA ASN A 243 -15.85 -7.87 -6.16
C ASN A 243 -15.46 -9.36 -6.19
N THR A 244 -14.17 -9.62 -6.25
CA THR A 244 -13.66 -10.98 -6.27
C THR A 244 -12.96 -11.41 -5.01
N ALA A 245 -12.97 -10.54 -3.99
CA ALA A 245 -12.39 -10.88 -2.72
C ALA A 245 -13.04 -12.10 -2.09
N THR A 246 -12.25 -12.81 -1.31
CA THR A 246 -12.71 -14.00 -0.59
C THR A 246 -13.35 -13.50 0.72
N LYS A 247 -14.67 -13.65 0.84
CA LYS A 247 -15.40 -13.19 2.04
C LYS A 247 -14.92 -13.90 3.28
N LEU A 248 -14.68 -13.11 4.36
CA LEU A 248 -14.09 -13.62 5.59
C LEU A 248 -14.95 -13.48 6.85
N GLY A 249 -16.02 -12.75 6.74
CA GLY A 249 -16.80 -12.48 7.91
C GLY A 249 -17.46 -11.13 7.70
N ASP A 250 -17.93 -10.59 8.81
CA ASP A 250 -18.62 -9.30 8.85
C ASP A 250 -17.78 -8.19 8.23
N SER A 251 -18.36 -7.50 7.26
CA SER A 251 -17.69 -6.40 6.57
C SER A 251 -17.21 -5.26 7.45
N PHE A 252 -17.76 -5.06 8.63
CA PHE A 252 -17.24 -4.06 9.55
C PHE A 252 -15.82 -4.38 9.94
N TYR A 253 -15.49 -5.69 10.02
CA TYR A 253 -14.18 -6.16 10.46
C TYR A 253 -13.26 -6.54 9.30
N TYR A 254 -13.87 -6.95 8.16
CA TYR A 254 -13.13 -7.61 7.09
C TYR A 254 -13.35 -6.96 5.73
N GLY A 255 -14.17 -5.91 5.63
CA GLY A 255 -14.60 -5.44 4.32
C GLY A 255 -15.17 -6.55 3.46
N LYS A 256 -14.81 -6.55 2.21
CA LYS A 256 -15.21 -7.65 1.28
C LYS A 256 -14.41 -8.90 1.44
N GLY A 257 -13.33 -8.87 2.23
CA GLY A 257 -12.53 -10.01 2.57
C GLY A 257 -11.11 -9.93 1.93
N LEU A 258 -10.48 -11.07 1.83
CA LEU A 258 -9.09 -11.19 1.40
C LEU A 258 -9.01 -11.00 -0.11
N ILE A 259 -8.10 -10.13 -0.60
CA ILE A 259 -7.93 -10.02 -2.05
C ILE A 259 -7.45 -11.34 -2.64
N ASN A 260 -7.94 -11.63 -3.86
CA ASN A 260 -7.59 -12.77 -4.68
C ASN A 260 -7.21 -12.21 -6.07
N VAL A 261 -5.91 -11.99 -6.27
CA VAL A 261 -5.49 -11.31 -7.50
C VAL A 261 -5.74 -12.21 -8.73
N GLU A 262 -5.63 -13.50 -8.54
CA GLU A 262 -5.97 -14.47 -9.64
C GLU A 262 -7.44 -14.20 -10.16
N ALA A 263 -8.40 -14.15 -9.21
CA ALA A 263 -9.75 -13.88 -9.58
C ALA A 263 -9.95 -12.48 -10.11
N ALA A 264 -9.33 -11.51 -9.47
CA ALA A 264 -9.47 -10.13 -9.87
C ALA A 264 -9.00 -9.86 -11.31
N ALA A 265 -7.95 -10.52 -11.69
CA ALA A 265 -7.33 -10.23 -12.98
C ALA A 265 -8.01 -11.08 -14.08
N GLN A 266 -9.05 -11.89 -13.79
CA GLN A 266 -9.67 -12.82 -14.82
C GLN A 266 -10.18 -11.95 -15.91
N LEU B 1 -0.63 14.61 13.47
CA LEU B 1 0.41 14.17 12.59
C LEU B 1 -0.11 12.89 11.91
N PHE B 2 0.43 12.65 10.75
CA PHE B 2 0.31 11.34 10.09
C PHE B 2 1.42 10.45 10.58
N ARG B 3 1.12 9.17 10.67
CA ARG B 3 2.11 8.24 11.14
C ARG B 3 2.08 6.96 10.35
N ALA B 4 3.27 6.44 10.16
CA ALA B 4 3.49 5.13 9.53
C ALA B 4 2.66 4.10 10.32
N LEU B 5 2.00 3.22 9.60
CA LEU B 5 1.11 2.22 10.26
C LEU B 5 1.81 0.85 10.29
#